data_5ESP
#
_entry.id   5ESP
#
_cell.length_a   69.555
_cell.length_b   78.442
_cell.length_c   101.023
_cell.angle_alpha   90.000
_cell.angle_beta   92.380
_cell.angle_gamma   90.000
#
_symmetry.space_group_name_H-M   'P 1 21 1'
#
loop_
_entity.id
_entity.type
_entity.pdbx_description
1 polymer I-PanMI
2 polymer 'DNA (27-MER)'
3 polymer 'DNA (27-MER)'
4 non-polymer 'CALCIUM ION'
5 non-polymer GLYCEROL
6 water water
#
loop_
_entity_poly.entity_id
_entity_poly.type
_entity_poly.pdbx_seq_one_letter_code
_entity_poly.pdbx_strand_id
1 'polypeptide(L)'
;STLESKLNPSYISGFVDGEGSFMLTIIKDNKYKLGWRVVCRFVISLHKKDLSLLNKIKEFFDVGNVFLMTKDSAQYRVES
LKGLDLIINHFDKYPLITKKQADYKLFKMAHNLIKNKSHLTKEGLLELVAIKAVINNGLNNDLSIAFPGINTILRPDTSL
PQILNPFWLSGFVDAEGCFSVVVFKSKTSKLGEAVKLSFILTQSNRDEYLIKSLIEYLGCGNTSLDPRGTIDFKVTNFSS
IKDIIVPFFIKYPLKGNKNLDFTDFCEVVRLMENKSHLTKEGLDQIKKIRNRMNTNRK
;
A,B
2 'polydeoxyribonucleotide'
;(DC)(DC)(DC)(DG)(DC)(DT)(DC)(DC)(DT)(DC)(DA)(DT)(DA)(DA)(DT)(DC)(DC)(DT)(DT)(DA)
(DT)(DC)(DA)(DA)(DG)(DC)(DC)
;
G,C
3 'polydeoxyribonucleotide'
;(DG)(DG)(DG)(DC)(DT)(DT)(DG)(DA)(DT)(DA)(DA)(DG)(DG)(DA)(DT)(DT)(DA)(DT)(DG)(DA)
(DG)(DG)(DA)(DG)(DC)(DG)(DG)
;
H,D
#
# COMPACT_ATOMS: atom_id res chain seq x y z
N LYS A 6 19.74 -3.02 3.11
CA LYS A 6 19.38 -1.62 3.25
C LYS A 6 17.97 -1.49 3.82
N LEU A 7 17.25 -2.62 3.85
CA LEU A 7 15.91 -2.69 4.42
C LEU A 7 14.90 -1.86 3.63
N ASN A 8 13.85 -2.52 3.13
CA ASN A 8 12.82 -1.86 2.34
C ASN A 8 11.86 -1.12 3.26
N PRO A 9 11.42 0.09 2.87
CA PRO A 9 10.51 0.84 3.76
C PRO A 9 9.18 0.15 3.99
N SER A 10 8.59 -0.44 2.94
CA SER A 10 7.34 -1.19 3.13
C SER A 10 7.57 -2.41 4.01
N TYR A 11 8.76 -3.02 3.94
CA TYR A 11 9.09 -4.07 4.89
C TYR A 11 9.11 -3.54 6.32
N ILE A 12 9.55 -2.29 6.49
CA ILE A 12 9.60 -1.69 7.83
C ILE A 12 8.20 -1.57 8.40
N SER A 13 7.30 -0.92 7.66
CA SER A 13 5.93 -0.75 8.15
C SER A 13 5.27 -2.10 8.43
N GLY A 14 5.50 -3.09 7.57
CA GLY A 14 4.92 -4.40 7.79
C GLY A 14 5.46 -5.07 9.03
N PHE A 15 6.76 -4.88 9.32
CA PHE A 15 7.34 -5.49 10.51
C PHE A 15 6.87 -4.78 11.77
N VAL A 16 6.89 -3.44 11.76
CA VAL A 16 6.39 -2.69 12.91
C VAL A 16 4.92 -2.99 13.14
N ASP A 17 4.15 -3.23 12.07
CA ASP A 17 2.75 -3.59 12.23
C ASP A 17 2.59 -4.82 13.11
N GLY A 18 3.55 -5.74 13.06
CA GLY A 18 3.50 -6.92 13.89
C GLY A 18 4.21 -6.71 15.22
N GLU A 19 5.51 -6.50 15.18
CA GLU A 19 6.31 -6.20 16.36
C GLU A 19 6.55 -4.70 16.43
N GLY A 20 6.65 -4.18 17.66
CA GLY A 20 6.87 -2.76 17.86
C GLY A 20 5.72 -2.07 18.55
N SER A 21 6.01 -1.00 19.29
CA SER A 21 5.02 -0.35 20.12
C SER A 21 5.24 1.16 20.12
N PHE A 22 4.15 1.91 20.02
CA PHE A 22 4.15 3.36 20.16
C PHE A 22 3.50 3.70 21.49
N MET A 23 4.24 4.36 22.37
CA MET A 23 3.83 4.53 23.76
C MET A 23 3.83 6.01 24.15
N LEU A 24 2.93 6.34 25.08
CA LEU A 24 2.86 7.66 25.71
C LEU A 24 2.88 7.43 27.21
N THR A 25 4.05 7.62 27.82
CA THR A 25 4.23 7.37 29.24
C THR A 25 3.89 8.61 30.05
N ILE A 26 3.05 8.45 31.07
CA ILE A 26 2.68 9.51 32.00
C ILE A 26 2.88 8.95 33.40
N ILE A 27 4.00 9.33 34.04
CA ILE A 27 4.36 8.80 35.34
C ILE A 27 4.63 9.95 36.30
N LYS A 28 4.29 9.75 37.56
CA LYS A 28 4.50 10.77 38.58
C LYS A 28 5.99 11.00 38.77
N ASP A 29 6.43 12.25 38.64
CA ASP A 29 7.84 12.61 38.74
C ASP A 29 7.95 13.97 39.40
N ASN A 30 8.60 14.02 40.57
CA ASN A 30 8.76 15.26 41.31
C ASN A 30 9.67 16.25 40.61
N LYS A 31 10.42 15.82 39.59
CA LYS A 31 11.33 16.73 38.91
C LYS A 31 10.60 17.75 38.06
N TYR A 32 9.37 17.45 37.63
CA TYR A 32 8.60 18.36 36.80
C TYR A 32 7.74 19.28 37.66
N LYS A 33 7.48 20.48 37.14
CA LYS A 33 6.71 21.47 37.89
C LYS A 33 5.32 20.92 38.22
N LEU A 34 4.67 20.27 37.27
CA LEU A 34 3.35 19.71 37.48
C LEU A 34 3.39 18.32 38.09
N GLY A 35 4.57 17.85 38.50
CA GLY A 35 4.68 16.55 39.13
C GLY A 35 4.35 15.37 38.23
N TRP A 36 4.42 15.56 36.91
CA TRP A 36 4.11 14.51 35.97
C TRP A 36 5.08 14.54 34.79
N ARG A 37 5.61 13.37 34.44
CA ARG A 37 6.53 13.23 33.33
C ARG A 37 5.78 12.63 32.14
N VAL A 38 5.77 13.35 31.02
CA VAL A 38 5.13 12.91 29.79
C VAL A 38 6.21 12.76 28.73
N VAL A 39 6.34 11.55 28.19
CA VAL A 39 7.39 11.24 27.24
C VAL A 39 6.84 10.29 26.18
N CYS A 40 7.15 10.57 24.91
CA CYS A 40 6.78 9.71 23.80
C CYS A 40 7.94 8.80 23.45
N ARG A 41 7.63 7.54 23.14
CA ARG A 41 8.65 6.54 22.91
C ARG A 41 8.13 5.49 21.94
N PHE A 42 9.05 4.96 21.12
CA PHE A 42 8.76 3.88 20.18
C PHE A 42 9.82 2.80 20.36
N VAL A 43 9.39 1.58 20.64
CA VAL A 43 10.29 0.50 21.02
C VAL A 43 9.86 -0.79 20.34
N ILE A 44 10.82 -1.45 19.68
CA ILE A 44 10.65 -2.80 19.16
C ILE A 44 11.46 -3.73 20.06
N SER A 45 10.80 -4.75 20.59
CA SER A 45 11.43 -5.68 21.52
C SER A 45 11.48 -7.05 20.85
N LEU A 46 12.68 -7.53 20.55
CA LEU A 46 12.89 -8.79 19.86
C LEU A 46 13.85 -9.68 20.64
N HIS A 47 13.76 -10.98 20.37
CA HIS A 47 14.71 -11.92 20.94
C HIS A 47 16.13 -11.59 20.48
N LYS A 48 17.11 -11.92 21.33
CA LYS A 48 18.49 -11.58 21.03
C LYS A 48 18.96 -12.19 19.70
N LYS A 49 18.37 -13.31 19.30
CA LYS A 49 18.76 -13.95 18.04
C LYS A 49 18.57 -13.00 16.87
N ASP A 50 17.65 -12.04 16.97
CA ASP A 50 17.42 -11.05 15.94
C ASP A 50 18.13 -9.73 16.25
N LEU A 51 19.20 -9.77 17.05
CA LEU A 51 19.98 -8.56 17.30
C LEU A 51 20.42 -7.92 15.99
N SER A 52 20.88 -8.74 15.04
CA SER A 52 21.31 -8.21 13.75
C SER A 52 20.20 -7.43 13.07
N LEU A 53 18.98 -7.97 13.07
CA LEU A 53 17.87 -7.29 12.42
C LEU A 53 17.55 -5.97 13.14
N LEU A 54 17.62 -5.97 14.47
CA LEU A 54 17.37 -4.74 15.21
C LEU A 54 18.32 -3.63 14.79
N ASN A 55 19.60 -3.95 14.65
CA ASN A 55 20.58 -2.96 14.23
C ASN A 55 20.32 -2.51 12.79
N LYS A 56 19.78 -3.38 11.94
CA LYS A 56 19.42 -2.97 10.59
C LYS A 56 18.30 -1.95 10.62
N ILE A 57 17.32 -2.14 11.49
CA ILE A 57 16.22 -1.18 11.61
C ILE A 57 16.76 0.17 12.06
N LYS A 58 17.69 0.17 13.02
CA LYS A 58 18.34 1.41 13.43
C LYS A 58 18.96 2.12 12.24
N GLU A 59 19.75 1.39 11.45
CA GLU A 59 20.35 1.98 10.26
C GLU A 59 19.29 2.51 9.30
N PHE A 60 18.11 1.88 9.27
CA PHE A 60 17.06 2.35 8.39
C PHE A 60 16.57 3.74 8.79
N PHE A 61 16.23 3.92 10.07
CA PHE A 61 15.82 5.23 10.54
C PHE A 61 17.01 6.16 10.76
N ASP A 62 18.18 5.61 11.07
CA ASP A 62 19.38 6.39 11.36
C ASP A 62 19.21 7.21 12.64
N VAL A 63 18.33 6.74 13.53
CA VAL A 63 18.09 7.39 14.82
C VAL A 63 17.89 6.30 15.87
N GLY A 64 17.91 6.71 17.13
CA GLY A 64 17.73 5.78 18.22
C GLY A 64 18.93 4.83 18.36
N ASN A 65 18.82 3.95 19.35
CA ASN A 65 19.88 2.99 19.64
C ASN A 65 19.27 1.64 19.97
N VAL A 66 20.05 0.59 19.75
CA VAL A 66 19.64 -0.78 20.06
C VAL A 66 20.27 -1.17 21.38
N PHE A 67 19.44 -1.42 22.39
CA PHE A 67 19.90 -1.77 23.73
C PHE A 67 19.77 -3.27 23.95
N LEU A 68 20.77 -3.85 24.60
CA LEU A 68 20.80 -5.29 24.87
C LEU A 68 20.25 -5.51 26.26
N MET A 69 19.01 -6.01 26.32
CA MET A 69 18.38 -6.29 27.60
C MET A 69 19.15 -7.36 28.36
N THR A 70 18.75 -7.58 29.61
CA THR A 70 19.44 -8.56 30.45
C THR A 70 19.16 -9.99 30.01
N LYS A 71 17.99 -10.24 29.44
CA LYS A 71 17.60 -11.59 29.03
C LYS A 71 18.04 -11.83 27.59
N ASP A 72 17.60 -12.96 27.02
CA ASP A 72 17.89 -13.26 25.63
C ASP A 72 17.07 -12.37 24.70
N SER A 73 17.13 -11.06 24.95
CA SER A 73 16.30 -10.11 24.22
C SER A 73 16.99 -8.76 24.17
N ALA A 74 16.65 -7.98 23.14
CA ALA A 74 17.16 -6.63 22.98
C ALA A 74 16.03 -5.76 22.45
N GLN A 75 16.26 -4.45 22.44
CA GLN A 75 15.25 -3.49 22.03
C GLN A 75 15.86 -2.40 21.18
N TYR A 76 15.19 -2.05 20.09
CA TYR A 76 15.45 -0.80 19.39
C TYR A 76 14.50 0.25 19.95
N ARG A 77 15.06 1.31 20.52
CA ARG A 77 14.29 2.31 21.24
C ARG A 77 14.50 3.68 20.63
N VAL A 78 13.44 4.49 20.62
CA VAL A 78 13.48 5.87 20.16
C VAL A 78 12.70 6.71 21.16
N GLU A 79 13.38 7.67 21.80
CA GLU A 79 12.77 8.43 22.89
C GLU A 79 13.11 9.91 22.85
N SER A 80 13.56 10.44 21.72
CA SER A 80 13.92 11.84 21.60
C SER A 80 12.98 12.55 20.62
N LEU A 81 12.92 13.87 20.75
CA LEU A 81 12.09 14.66 19.83
C LEU A 81 12.56 14.49 18.39
N LYS A 82 13.85 14.73 18.15
CA LYS A 82 14.38 14.58 16.79
C LYS A 82 14.16 13.17 16.28
N GLY A 83 14.38 12.17 17.13
CA GLY A 83 14.20 10.79 16.72
C GLY A 83 12.76 10.50 16.30
N LEU A 84 11.81 10.79 17.19
CA LEU A 84 10.41 10.57 16.86
C LEU A 84 9.99 11.30 15.59
N ASP A 85 10.63 12.44 15.31
CA ASP A 85 10.28 13.18 14.10
C ASP A 85 10.65 12.40 12.85
N LEU A 86 11.77 11.68 12.88
CA LEU A 86 12.15 10.86 11.73
C LEU A 86 11.30 9.60 11.63
N ILE A 87 10.80 9.12 12.76
CA ILE A 87 9.92 7.95 12.73
C ILE A 87 8.54 8.33 12.20
N ILE A 88 8.03 9.51 12.60
CA ILE A 88 6.75 9.96 12.08
C ILE A 88 6.88 10.37 10.62
N ASN A 89 8.05 10.89 10.22
CA ASN A 89 8.26 11.19 8.80
C ASN A 89 8.07 9.95 7.94
N HIS A 90 8.47 8.78 8.45
CA HIS A 90 8.38 7.55 7.67
C HIS A 90 6.95 7.02 7.63
N PHE A 91 6.30 6.89 8.80
CA PHE A 91 4.98 6.29 8.85
C PHE A 91 3.88 7.21 8.33
N ASP A 92 4.16 8.50 8.15
CA ASP A 92 3.22 9.35 7.43
C ASP A 92 3.20 9.04 5.94
N LYS A 93 4.24 8.37 5.43
CA LYS A 93 4.31 7.94 4.04
C LYS A 93 4.17 6.44 3.87
N TYR A 94 4.68 5.65 4.82
CA TYR A 94 4.54 4.19 4.82
C TYR A 94 3.75 3.81 6.06
N PRO A 95 2.43 4.00 6.05
CA PRO A 95 1.64 3.81 7.28
C PRO A 95 1.46 2.34 7.62
N LEU A 96 1.10 2.10 8.87
CA LEU A 96 0.64 0.79 9.29
C LEU A 96 -0.76 0.54 8.74
N ILE A 97 -1.22 -0.70 8.82
CA ILE A 97 -2.55 -1.02 8.31
C ILE A 97 -3.31 -1.92 9.28
N THR A 98 -2.65 -2.38 10.35
CA THR A 98 -3.38 -3.07 11.39
C THR A 98 -4.02 -2.05 12.34
N LYS A 99 -4.70 -2.54 13.37
CA LYS A 99 -5.28 -1.64 14.35
C LYS A 99 -4.21 -0.83 15.06
N LYS A 100 -2.96 -1.28 15.04
CA LYS A 100 -1.87 -0.51 15.63
C LYS A 100 -1.77 0.89 15.03
N GLN A 101 -2.31 1.09 13.82
CA GLN A 101 -2.30 2.41 13.21
C GLN A 101 -2.95 3.45 14.12
N ALA A 102 -4.04 3.07 14.80
CA ALA A 102 -4.70 4.00 15.71
C ALA A 102 -3.79 4.36 16.88
N ASP A 103 -3.08 3.37 17.43
CA ASP A 103 -2.09 3.67 18.46
C ASP A 103 -1.01 4.61 17.94
N TYR A 104 -0.70 4.54 16.65
CA TYR A 104 0.31 5.43 16.09
C TYR A 104 -0.23 6.85 15.97
N LYS A 105 -1.46 7.00 15.48
CA LYS A 105 -2.02 8.33 15.29
C LYS A 105 -2.21 9.06 16.62
N LEU A 106 -2.53 8.32 17.69
CA LEU A 106 -2.57 8.92 19.02
C LEU A 106 -1.17 9.28 19.50
N PHE A 107 -0.23 8.35 19.34
CA PHE A 107 1.17 8.64 19.63
C PHE A 107 1.65 9.88 18.87
N LYS A 108 1.12 10.10 17.67
CA LYS A 108 1.51 11.29 16.90
C LYS A 108 0.88 12.54 17.47
N MET A 109 -0.39 12.47 17.88
CA MET A 109 -1.04 13.61 18.50
C MET A 109 -0.31 14.05 19.76
N ALA A 110 -0.01 13.11 20.65
CA ALA A 110 0.72 13.44 21.87
C ALA A 110 2.08 14.03 21.54
N HIS A 111 2.75 13.48 20.53
CA HIS A 111 4.08 13.99 20.16
C HIS A 111 4.01 15.45 19.75
N ASN A 112 3.02 15.82 18.93
CA ASN A 112 2.90 17.20 18.50
C ASN A 112 2.69 18.14 19.68
N LEU A 113 1.89 17.71 20.67
CA LEU A 113 1.66 18.54 21.84
C LEU A 113 2.96 18.72 22.64
N ILE A 114 3.78 17.68 22.71
CA ILE A 114 5.04 17.80 23.42
C ILE A 114 5.99 18.74 22.69
N LYS A 115 5.92 18.78 21.35
CA LYS A 115 6.71 19.74 20.60
C LYS A 115 6.27 21.17 20.86
N ASN A 116 5.06 21.37 21.36
CA ASN A 116 4.55 22.69 21.73
C ASN A 116 4.69 22.95 23.23
N LYS A 117 5.42 22.09 23.94
CA LYS A 117 5.57 22.20 25.39
C LYS A 117 4.23 22.19 26.12
N SER A 118 3.18 21.70 25.44
CA SER A 118 1.86 21.66 26.05
C SER A 118 1.81 20.72 27.26
N HIS A 119 2.74 19.78 27.36
CA HIS A 119 2.81 18.89 28.51
C HIS A 119 3.27 19.62 29.77
N LEU A 120 3.67 20.88 29.66
CA LEU A 120 4.08 21.68 30.81
C LEU A 120 2.97 22.58 31.34
N THR A 121 1.78 22.53 30.75
CA THR A 121 0.63 23.28 31.21
C THR A 121 -0.43 22.32 31.76
N LYS A 122 -1.35 22.88 32.54
CA LYS A 122 -2.39 22.06 33.14
C LYS A 122 -3.37 21.56 32.10
N GLU A 123 -3.78 22.43 31.16
CA GLU A 123 -4.73 22.02 30.14
C GLU A 123 -4.09 21.06 29.14
N GLY A 124 -2.85 21.36 28.73
CA GLY A 124 -2.16 20.45 27.82
C GLY A 124 -1.96 19.07 28.42
N LEU A 125 -1.53 19.01 29.68
CA LEU A 125 -1.37 17.72 30.34
C LEU A 125 -2.69 16.96 30.39
N LEU A 126 -3.81 17.67 30.49
CA LEU A 126 -5.11 16.99 30.50
C LEU A 126 -5.40 16.35 29.14
N GLU A 127 -5.11 17.06 28.06
CA GLU A 127 -5.28 16.47 26.73
C GLU A 127 -4.40 15.25 26.56
N LEU A 128 -3.17 15.31 27.08
CA LEU A 128 -2.25 14.18 26.94
C LEU A 128 -2.72 12.97 27.75
N VAL A 129 -3.38 13.20 28.89
CA VAL A 129 -3.91 12.09 29.67
C VAL A 129 -5.12 11.48 28.97
N ALA A 130 -5.96 12.31 28.37
CA ALA A 130 -7.10 11.80 27.61
C ALA A 130 -6.62 10.94 26.44
N ILE A 131 -5.52 11.33 25.81
CA ILE A 131 -4.98 10.54 24.70
C ILE A 131 -4.43 9.22 25.23
N LYS A 132 -3.54 9.28 26.23
CA LYS A 132 -3.00 8.07 26.81
C LYS A 132 -4.10 7.13 27.28
N ALA A 133 -5.27 7.69 27.63
CA ALA A 133 -6.40 6.86 28.05
C ALA A 133 -6.89 5.93 26.95
N VAL A 134 -6.47 6.16 25.69
CA VAL A 134 -6.89 5.32 24.58
C VAL A 134 -5.73 4.64 23.87
N ILE A 135 -4.49 4.92 24.24
CA ILE A 135 -3.32 4.30 23.61
C ILE A 135 -2.99 3.01 24.35
N ASN A 136 -2.92 1.91 23.60
CA ASN A 136 -2.56 0.59 24.12
C ASN A 136 -3.50 0.27 25.29
N ASN A 137 -2.97 -0.09 26.48
CA ASN A 137 -3.75 -0.55 27.62
C ASN A 137 -4.46 0.58 28.37
N GLY A 138 -4.18 1.83 28.02
CA GLY A 138 -4.91 2.95 28.60
C GLY A 138 -4.42 3.33 29.98
N LEU A 139 -5.26 4.11 30.65
CA LEU A 139 -4.94 4.60 31.99
C LEU A 139 -4.95 3.47 33.00
N ASN A 140 -4.19 3.67 34.07
CA ASN A 140 -4.15 2.74 35.20
C ASN A 140 -5.01 3.30 36.33
N ASN A 141 -4.98 2.63 37.48
CA ASN A 141 -5.78 3.08 38.61
C ASN A 141 -5.22 4.35 39.25
N ASP A 142 -3.96 4.70 38.95
CA ASP A 142 -3.38 5.92 39.49
C ASP A 142 -3.80 7.14 38.68
N LEU A 143 -3.68 7.07 37.36
CA LEU A 143 -4.06 8.20 36.52
C LEU A 143 -5.55 8.49 36.62
N SER A 144 -6.38 7.46 36.80
CA SER A 144 -7.80 7.69 36.99
C SER A 144 -8.06 8.51 38.25
N ILE A 145 -7.33 8.20 39.33
CA ILE A 145 -7.51 8.94 40.58
C ILE A 145 -6.96 10.36 40.45
N ALA A 146 -5.83 10.52 39.77
CA ALA A 146 -5.18 11.82 39.71
C ALA A 146 -5.85 12.75 38.71
N PHE A 147 -6.29 12.23 37.57
CA PHE A 147 -6.85 13.04 36.49
C PHE A 147 -8.30 12.65 36.20
N PRO A 148 -9.20 12.86 37.17
CA PRO A 148 -10.63 12.68 36.89
C PRO A 148 -11.18 13.92 36.19
N GLY A 149 -12.10 13.68 35.27
CA GLY A 149 -12.69 14.78 34.52
C GLY A 149 -11.93 15.16 33.27
N ILE A 150 -11.16 14.23 32.68
CA ILE A 150 -10.54 14.49 31.38
C ILE A 150 -11.63 14.44 30.31
N ASN A 151 -11.44 15.22 29.25
CA ASN A 151 -12.37 15.22 28.13
C ASN A 151 -12.06 14.00 27.28
N THR A 152 -12.76 12.91 27.58
CA THR A 152 -12.49 11.62 26.93
C THR A 152 -12.57 11.76 25.42
N ILE A 153 -11.46 11.48 24.75
CA ILE A 153 -11.39 11.50 23.30
C ILE A 153 -11.61 10.09 22.79
N LEU A 154 -12.07 9.97 21.55
CA LEU A 154 -12.34 8.68 20.93
C LEU A 154 -11.07 8.12 20.29
N ARG A 155 -10.92 6.80 20.39
CA ARG A 155 -9.80 6.15 19.72
C ARG A 155 -9.95 6.28 18.20
N PRO A 156 -8.93 6.75 17.49
CA PRO A 156 -9.09 6.96 16.04
C PRO A 156 -9.51 5.69 15.33
N ASP A 157 -10.41 5.86 14.36
CA ASP A 157 -10.85 4.73 13.55
C ASP A 157 -9.87 4.50 12.40
N THR A 158 -9.70 3.23 12.04
CA THR A 158 -8.77 2.83 11.00
C THR A 158 -9.53 2.07 9.93
N SER A 159 -9.55 2.63 8.72
CA SER A 159 -10.30 2.05 7.61
C SER A 159 -9.88 0.61 7.35
N LEU A 160 -10.74 -0.11 6.63
CA LEU A 160 -10.48 -1.51 6.35
C LEU A 160 -9.20 -1.65 5.52
N PRO A 161 -8.32 -2.59 5.85
CA PRO A 161 -7.00 -2.64 5.23
C PRO A 161 -6.96 -3.40 3.91
N GLN A 162 -6.15 -2.87 2.99
CA GLN A 162 -5.77 -3.55 1.76
C GLN A 162 -4.26 -3.66 1.71
N ILE A 163 -3.75 -4.88 1.52
CA ILE A 163 -2.31 -5.05 1.30
C ILE A 163 -1.96 -4.47 -0.07
N LEU A 164 -1.11 -3.45 -0.08
CA LEU A 164 -0.76 -2.76 -1.31
C LEU A 164 0.69 -2.94 -1.72
N ASN A 165 1.51 -3.63 -0.92
CA ASN A 165 2.91 -3.82 -1.25
C ASN A 165 3.41 -5.16 -0.73
N PRO A 166 3.96 -6.01 -1.59
CA PRO A 166 4.39 -7.34 -1.13
C PRO A 166 5.49 -7.29 -0.08
N PHE A 167 6.31 -6.25 -0.09
CA PHE A 167 7.36 -6.12 0.94
C PHE A 167 6.75 -5.91 2.31
N TRP A 168 5.60 -5.25 2.39
CA TRP A 168 4.91 -5.13 3.67
C TRP A 168 4.58 -6.51 4.23
N LEU A 169 4.01 -7.39 3.40
CA LEU A 169 3.68 -8.73 3.85
C LEU A 169 4.91 -9.52 4.25
N SER A 170 6.04 -9.31 3.56
CA SER A 170 7.27 -10.00 3.92
C SER A 170 7.76 -9.57 5.30
N GLY A 171 7.57 -8.31 5.66
CA GLY A 171 7.90 -7.88 7.01
C GLY A 171 6.87 -8.36 8.02
N PHE A 172 5.59 -8.27 7.67
CA PHE A 172 4.54 -8.81 8.54
C PHE A 172 4.73 -10.30 8.77
N VAL A 173 5.20 -11.01 7.75
CA VAL A 173 5.48 -12.44 7.89
C VAL A 173 6.75 -12.65 8.71
N ASP A 174 7.78 -11.83 8.48
CA ASP A 174 9.00 -11.96 9.27
C ASP A 174 8.73 -11.72 10.74
N ALA A 175 7.68 -10.95 11.05
CA ALA A 175 7.35 -10.63 12.44
C ALA A 175 6.42 -11.65 13.08
N GLU A 176 5.43 -12.14 12.34
CA GLU A 176 4.41 -12.99 12.94
C GLU A 176 4.05 -14.21 12.10
N GLY A 177 4.93 -14.64 11.19
CA GLY A 177 4.67 -15.84 10.43
C GLY A 177 5.32 -17.07 11.04
N CYS A 178 4.94 -18.23 10.52
CA CYS A 178 5.47 -19.49 11.03
C CYS A 178 5.50 -20.53 9.91
N PHE A 179 6.63 -21.22 9.78
CA PHE A 179 6.78 -22.29 8.79
C PHE A 179 6.94 -23.60 9.55
N SER A 180 5.91 -24.44 9.50
CA SER A 180 5.85 -25.64 10.33
C SER A 180 6.16 -26.88 9.50
N VAL A 181 7.03 -27.73 10.01
CA VAL A 181 7.33 -29.04 9.42
C VAL A 181 7.01 -30.07 10.50
N VAL A 182 5.79 -30.59 10.49
CA VAL A 182 5.30 -31.49 11.53
C VAL A 182 5.20 -32.89 10.97
N VAL A 183 5.78 -33.85 11.69
CA VAL A 183 5.67 -35.27 11.36
C VAL A 183 4.73 -35.90 12.38
N PHE A 184 3.66 -36.54 11.89
CA PHE A 184 2.69 -37.20 12.74
C PHE A 184 2.55 -38.66 12.33
N LYS A 185 1.79 -39.42 13.11
CA LYS A 185 1.63 -40.85 12.91
C LYS A 185 0.35 -41.11 12.12
N SER A 186 0.50 -41.70 10.93
CA SER A 186 -0.62 -42.06 10.07
C SER A 186 -0.61 -43.58 9.90
N LYS A 187 -1.51 -44.25 10.62
CA LYS A 187 -1.52 -45.72 10.59
C LYS A 187 -1.87 -46.26 9.22
N THR A 188 -2.60 -45.49 8.42
CA THR A 188 -3.02 -45.93 7.10
C THR A 188 -1.96 -45.68 6.02
N SER A 189 -0.73 -45.35 6.43
CA SER A 189 0.36 -45.12 5.50
C SER A 189 1.34 -46.27 5.53
N LYS A 190 2.17 -46.35 4.49
CA LYS A 190 3.17 -47.41 4.42
C LYS A 190 4.14 -47.32 5.58
N LEU A 191 4.75 -46.14 5.78
CA LEU A 191 5.71 -45.95 6.85
C LEU A 191 5.06 -45.67 8.20
N GLY A 192 3.73 -45.62 8.26
CA GLY A 192 3.03 -45.34 9.50
C GLY A 192 3.12 -43.90 9.96
N GLU A 193 3.84 -43.04 9.26
CA GLU A 193 3.97 -41.63 9.60
C GLU A 193 3.67 -40.79 8.36
N ALA A 194 3.60 -39.48 8.56
CA ALA A 194 3.35 -38.55 7.47
C ALA A 194 4.00 -37.21 7.81
N VAL A 195 3.99 -36.31 6.83
CA VAL A 195 4.57 -34.98 6.96
C VAL A 195 3.48 -33.95 6.69
N LYS A 196 3.33 -32.99 7.60
CA LYS A 196 2.36 -31.91 7.47
C LYS A 196 3.10 -30.58 7.43
N LEU A 197 3.15 -29.97 6.26
CA LEU A 197 3.69 -28.62 6.11
C LEU A 197 2.59 -27.60 6.32
N SER A 198 2.97 -26.44 6.84
CA SER A 198 2.00 -25.39 7.16
C SER A 198 2.67 -24.03 7.12
N PHE A 199 1.91 -23.04 6.63
CA PHE A 199 2.28 -21.63 6.72
C PHE A 199 1.23 -20.93 7.57
N ILE A 200 1.68 -20.16 8.55
CA ILE A 200 0.80 -19.62 9.58
C ILE A 200 1.08 -18.13 9.77
N LEU A 201 0.01 -17.33 9.77
CA LEU A 201 0.06 -15.92 10.15
C LEU A 201 -0.99 -15.71 11.23
N THR A 202 -0.55 -15.34 12.42
CA THR A 202 -1.43 -15.21 13.58
C THR A 202 -1.63 -13.74 13.93
N GLN A 203 -2.83 -13.41 14.38
CA GLN A 203 -3.16 -12.05 14.79
C GLN A 203 -4.39 -12.13 15.70
N SER A 204 -4.79 -10.98 16.24
CA SER A 204 -5.92 -10.91 17.14
C SER A 204 -7.22 -10.68 16.38
N ASN A 205 -8.34 -10.95 17.06
CA ASN A 205 -9.64 -10.83 16.42
C ASN A 205 -9.88 -9.45 15.82
N ARG A 206 -9.26 -8.41 16.40
CA ARG A 206 -9.54 -7.06 15.94
C ARG A 206 -9.17 -6.87 14.48
N ASP A 207 -8.17 -7.61 13.99
CA ASP A 207 -7.77 -7.52 12.60
C ASP A 207 -8.13 -8.78 11.84
N GLU A 208 -9.35 -9.28 12.04
CA GLU A 208 -9.81 -10.44 11.28
C GLU A 208 -9.97 -10.09 9.80
N TYR A 209 -10.41 -8.86 9.50
CA TYR A 209 -10.53 -8.43 8.12
C TYR A 209 -9.19 -8.55 7.40
N LEU A 210 -8.12 -8.05 8.03
CA LEU A 210 -6.81 -8.14 7.42
C LEU A 210 -6.40 -9.60 7.17
N ILE A 211 -6.66 -10.47 8.13
CA ILE A 211 -6.23 -11.87 8.01
C ILE A 211 -6.92 -12.54 6.83
N LYS A 212 -8.24 -12.34 6.71
CA LYS A 212 -8.95 -12.86 5.54
C LYS A 212 -8.46 -12.21 4.26
N SER A 213 -7.95 -10.96 4.35
CA SER A 213 -7.36 -10.32 3.17
C SER A 213 -6.27 -11.18 2.57
N LEU A 214 -5.51 -11.90 3.42
CA LEU A 214 -4.43 -12.74 2.93
C LEU A 214 -4.93 -13.80 1.95
N ILE A 215 -6.16 -14.29 2.14
CA ILE A 215 -6.68 -15.33 1.25
C ILE A 215 -6.73 -14.83 -0.19
N GLU A 216 -7.20 -13.59 -0.38
CA GLU A 216 -7.31 -13.06 -1.73
C GLU A 216 -5.98 -12.55 -2.26
N TYR A 217 -5.13 -11.99 -1.39
CA TYR A 217 -3.86 -11.44 -1.84
C TYR A 217 -2.92 -12.55 -2.31
N LEU A 218 -2.66 -13.54 -1.45
CA LEU A 218 -1.84 -14.68 -1.83
C LEU A 218 -2.57 -15.63 -2.76
N GLY A 219 -3.90 -15.54 -2.85
CA GLY A 219 -4.65 -16.45 -3.69
C GLY A 219 -4.68 -17.88 -3.18
N CYS A 220 -4.79 -18.07 -1.87
CA CYS A 220 -4.81 -19.40 -1.28
C CYS A 220 -4.97 -19.31 0.23
N GLY A 221 -4.95 -20.45 0.91
CA GLY A 221 -5.05 -20.48 2.35
C GLY A 221 -6.48 -20.44 2.84
N ASN A 222 -6.62 -20.53 4.17
CA ASN A 222 -7.93 -20.52 4.80
C ASN A 222 -7.81 -19.91 6.19
N THR A 223 -8.92 -19.38 6.69
CA THR A 223 -8.96 -18.75 8.00
C THR A 223 -9.39 -19.74 9.07
N SER A 224 -8.75 -19.66 10.23
CA SER A 224 -9.04 -20.52 11.36
C SER A 224 -9.17 -19.67 12.61
N LEU A 225 -10.23 -19.91 13.38
CA LEU A 225 -10.51 -19.15 14.60
C LEU A 225 -10.03 -19.93 15.81
N ASP A 226 -9.34 -19.25 16.72
CA ASP A 226 -8.86 -19.87 17.94
C ASP A 226 -9.77 -19.48 19.10
N PRO A 227 -10.29 -20.45 19.85
CA PRO A 227 -11.24 -20.12 20.93
C PRO A 227 -10.72 -19.07 21.90
N ARG A 228 -9.41 -19.00 22.12
CA ARG A 228 -8.86 -18.03 23.07
C ARG A 228 -9.08 -16.60 22.63
N GLY A 229 -9.34 -16.36 21.34
CA GLY A 229 -9.58 -15.02 20.85
C GLY A 229 -8.53 -14.53 19.87
N THR A 230 -8.14 -15.40 18.94
CA THR A 230 -7.15 -15.06 17.94
C THR A 230 -7.52 -15.77 16.64
N ILE A 231 -7.08 -15.19 15.52
CA ILE A 231 -7.40 -15.71 14.19
C ILE A 231 -6.12 -16.06 13.46
N ASP A 232 -6.13 -17.19 12.76
CA ASP A 232 -4.99 -17.68 12.01
C ASP A 232 -5.30 -17.72 10.52
N PHE A 233 -4.30 -17.37 9.71
CA PHE A 233 -4.33 -17.61 8.27
C PHE A 233 -3.38 -18.77 7.98
N LYS A 234 -3.92 -19.87 7.49
CA LYS A 234 -3.17 -21.12 7.33
C LYS A 234 -3.23 -21.56 5.88
N VAL A 235 -2.06 -21.81 5.29
CA VAL A 235 -1.95 -22.49 4.01
C VAL A 235 -1.47 -23.91 4.32
N THR A 236 -2.32 -24.89 4.06
CA THR A 236 -2.06 -26.26 4.48
C THR A 236 -2.00 -27.27 3.36
N ASN A 237 -2.29 -26.88 2.12
CA ASN A 237 -2.16 -27.81 1.00
C ASN A 237 -0.79 -27.62 0.33
N PHE A 238 -0.17 -28.73 -0.05
CA PHE A 238 1.21 -28.69 -0.54
C PHE A 238 1.30 -27.91 -1.85
N SER A 239 0.42 -28.21 -2.81
CA SER A 239 0.50 -27.57 -4.12
C SER A 239 0.61 -26.06 -4.01
N SER A 240 -0.15 -25.46 -3.09
CA SER A 240 -0.09 -24.01 -2.94
C SER A 240 1.19 -23.58 -2.24
N ILE A 241 1.64 -24.34 -1.24
CA ILE A 241 2.88 -24.00 -0.55
C ILE A 241 4.04 -24.01 -1.53
N LYS A 242 4.07 -24.98 -2.44
CA LYS A 242 5.18 -25.10 -3.37
C LYS A 242 5.12 -24.05 -4.48
N ASP A 243 3.93 -23.79 -5.01
CA ASP A 243 3.80 -22.93 -6.19
C ASP A 243 3.60 -21.47 -5.85
N ILE A 244 3.03 -21.15 -4.69
CA ILE A 244 2.68 -19.79 -4.32
C ILE A 244 3.56 -19.27 -3.19
N ILE A 245 3.51 -19.91 -2.01
CA ILE A 245 4.17 -19.37 -0.83
C ILE A 245 5.69 -19.37 -1.01
N VAL A 246 6.26 -20.53 -1.33
CA VAL A 246 7.71 -20.63 -1.50
C VAL A 246 8.22 -19.60 -2.50
N PRO A 247 7.68 -19.50 -3.71
CA PRO A 247 8.15 -18.45 -4.63
C PRO A 247 8.00 -17.05 -4.08
N PHE A 248 6.94 -16.79 -3.32
CA PHE A 248 6.68 -15.43 -2.83
C PHE A 248 7.77 -14.97 -1.87
N PHE A 249 8.07 -15.79 -0.86
CA PHE A 249 9.06 -15.42 0.15
C PHE A 249 10.49 -15.66 -0.30
N ILE A 250 10.69 -16.05 -1.56
CA ILE A 250 12.01 -16.00 -2.18
C ILE A 250 12.17 -14.72 -3.00
N LYS A 251 11.10 -14.27 -3.64
CA LYS A 251 11.14 -13.00 -4.37
C LYS A 251 11.09 -11.82 -3.41
N TYR A 252 10.30 -11.92 -2.35
CA TYR A 252 10.20 -10.91 -1.31
C TYR A 252 10.70 -11.56 -0.02
N PRO A 253 12.02 -11.68 0.14
CA PRO A 253 12.57 -12.54 1.18
C PRO A 253 12.47 -11.93 2.57
N LEU A 254 12.57 -12.81 3.56
CA LEU A 254 12.66 -12.40 4.95
C LEU A 254 14.08 -11.91 5.25
N LYS A 255 14.19 -11.07 6.28
CA LYS A 255 15.47 -10.53 6.68
C LYS A 255 15.89 -10.91 8.09
N GLY A 256 14.96 -11.28 8.95
CA GLY A 256 15.28 -11.63 10.32
C GLY A 256 15.76 -13.07 10.45
N ASN A 257 15.81 -13.53 11.70
CA ASN A 257 16.26 -14.89 11.97
C ASN A 257 15.30 -15.93 11.41
N LYS A 258 14.02 -15.56 11.25
CA LYS A 258 13.04 -16.53 10.78
C LYS A 258 13.34 -16.99 9.36
N ASN A 259 14.05 -16.19 8.57
CA ASN A 259 14.37 -16.59 7.21
C ASN A 259 15.10 -17.92 7.18
N LEU A 260 15.94 -18.18 8.20
CA LEU A 260 16.59 -19.47 8.29
C LEU A 260 15.58 -20.60 8.36
N ASP A 261 14.51 -20.42 9.14
CA ASP A 261 13.47 -21.44 9.20
C ASP A 261 12.77 -21.60 7.86
N PHE A 262 12.60 -20.50 7.12
CA PHE A 262 12.02 -20.59 5.79
C PHE A 262 12.94 -21.37 4.85
N THR A 263 14.26 -21.18 4.99
CA THR A 263 15.19 -21.93 4.16
C THR A 263 15.05 -23.43 4.40
N ASP A 264 15.13 -23.85 5.66
CA ASP A 264 14.90 -25.26 5.98
C ASP A 264 13.51 -25.69 5.56
N PHE A 265 12.52 -24.81 5.70
CA PHE A 265 11.17 -25.11 5.26
C PHE A 265 11.15 -25.43 3.77
N CYS A 266 11.85 -24.62 2.96
CA CYS A 266 11.89 -24.87 1.52
C CYS A 266 12.58 -26.19 1.20
N GLU A 267 13.63 -26.54 1.96
CA GLU A 267 14.33 -27.78 1.69
C GLU A 267 13.41 -28.98 1.87
N VAL A 268 12.51 -28.92 2.86
CA VAL A 268 11.54 -29.99 3.02
C VAL A 268 10.56 -30.00 1.86
N VAL A 269 10.24 -28.83 1.30
CA VAL A 269 9.35 -28.78 0.15
C VAL A 269 9.96 -29.50 -1.03
N ARG A 270 11.27 -29.38 -1.22
CA ARG A 270 11.93 -30.03 -2.36
C ARG A 270 11.92 -31.54 -2.20
N LEU A 271 12.18 -32.03 -0.97
CA LEU A 271 12.12 -33.47 -0.75
C LEU A 271 10.72 -34.02 -0.92
N MET A 272 9.69 -33.20 -0.66
CA MET A 272 8.31 -33.65 -0.82
C MET A 272 7.83 -33.55 -2.27
N GLU A 273 8.45 -32.70 -3.09
CA GLU A 273 8.10 -32.63 -4.50
C GLU A 273 8.65 -33.80 -5.29
N ASN A 274 9.67 -34.48 -4.79
CA ASN A 274 10.22 -35.68 -5.41
C ASN A 274 9.56 -36.96 -4.89
N LYS A 275 8.54 -36.85 -4.05
CA LYS A 275 7.94 -37.99 -3.38
C LYS A 275 8.95 -38.70 -2.47
N SER A 276 10.05 -38.01 -2.13
CA SER A 276 11.04 -38.59 -1.25
C SER A 276 10.49 -38.79 0.17
N HIS A 277 9.54 -37.94 0.58
CA HIS A 277 8.94 -38.08 1.90
C HIS A 277 8.20 -39.40 2.08
N LEU A 278 8.02 -40.16 1.01
CA LEU A 278 7.39 -41.48 1.10
C LEU A 278 8.36 -42.58 1.46
N THR A 279 9.66 -42.32 1.34
CA THR A 279 10.68 -43.30 1.70
C THR A 279 11.13 -43.06 3.14
N LYS A 280 11.96 -43.99 3.64
CA LYS A 280 12.54 -43.80 4.96
C LYS A 280 13.75 -42.89 4.92
N GLU A 281 14.44 -42.81 3.78
CA GLU A 281 15.63 -41.97 3.70
C GLU A 281 15.24 -40.49 3.62
N GLY A 282 14.24 -40.16 2.81
CA GLY A 282 13.79 -38.78 2.74
C GLY A 282 13.03 -38.35 3.98
N LEU A 283 12.26 -39.27 4.56
CA LEU A 283 11.56 -38.96 5.80
C LEU A 283 12.53 -38.71 6.95
N ASP A 284 13.58 -39.52 7.05
CA ASP A 284 14.60 -39.28 8.06
C ASP A 284 15.28 -37.94 7.85
N GLN A 285 15.57 -37.58 6.60
CA GLN A 285 16.18 -36.29 6.32
C GLN A 285 15.25 -35.14 6.69
N ILE A 286 13.95 -35.33 6.50
CA ILE A 286 12.99 -34.30 6.91
C ILE A 286 13.01 -34.12 8.42
N LYS A 287 13.06 -35.23 9.16
CA LYS A 287 13.13 -35.13 10.61
C LYS A 287 14.41 -34.45 11.06
N LYS A 288 15.52 -34.72 10.37
CA LYS A 288 16.76 -34.01 10.69
C LYS A 288 16.65 -32.52 10.41
N ILE A 289 15.84 -32.14 9.43
CA ILE A 289 15.64 -30.73 9.12
C ILE A 289 14.71 -30.09 10.15
N ARG A 290 13.60 -30.77 10.46
CA ARG A 290 12.69 -30.25 11.48
C ARG A 290 13.42 -30.01 12.80
N ASN A 291 14.27 -30.95 13.19
CA ASN A 291 14.89 -30.93 14.52
C ASN A 291 15.90 -29.78 14.66
N ARG A 292 16.07 -28.99 13.60
CA ARG A 292 17.04 -27.90 13.64
C ARG A 292 16.43 -26.58 13.19
N MET A 293 15.11 -26.43 13.28
CA MET A 293 14.45 -25.18 12.91
C MET A 293 13.44 -24.79 13.99
N ASN A 294 13.08 -23.51 13.98
CA ASN A 294 12.09 -22.95 14.91
C ASN A 294 12.61 -23.13 16.33
N THR A 295 11.93 -23.88 17.19
CA THR A 295 12.30 -23.96 18.60
C THR A 295 13.41 -24.96 18.84
N ASN A 296 14.27 -25.18 17.85
CA ASN A 296 15.36 -26.16 17.97
C ASN A 296 16.64 -25.60 17.34
N ARG A 297 16.97 -24.35 17.67
CA ARG A 297 18.21 -23.75 17.19
C ARG A 297 19.13 -23.38 18.35
N LYS B 6 14.60 0.54 -14.66
CA LYS B 6 13.24 0.03 -14.58
C LYS B 6 12.37 0.95 -13.71
N LEU B 7 11.09 1.06 -14.05
CA LEU B 7 10.19 1.92 -13.32
C LEU B 7 9.90 1.35 -11.94
N ASN B 8 9.25 2.16 -11.11
CA ASN B 8 8.86 1.74 -9.77
C ASN B 8 7.53 0.99 -9.84
N PRO B 9 7.44 -0.20 -9.23
CA PRO B 9 6.17 -0.96 -9.34
C PRO B 9 4.98 -0.22 -8.77
N SER B 10 5.15 0.47 -7.63
CA SER B 10 4.05 1.23 -7.07
C SER B 10 3.67 2.41 -7.96
N TYR B 11 4.67 3.06 -8.56
CA TYR B 11 4.38 4.13 -9.52
C TYR B 11 3.49 3.62 -10.65
N ILE B 12 3.77 2.41 -11.15
CA ILE B 12 2.98 1.86 -12.25
C ILE B 12 1.51 1.80 -11.86
N SER B 13 1.21 1.24 -10.70
CA SER B 13 -0.18 1.12 -10.27
C SER B 13 -0.81 2.50 -10.08
N GLY B 14 -0.09 3.42 -9.45
CA GLY B 14 -0.60 4.77 -9.28
C GLY B 14 -0.91 5.45 -10.60
N PHE B 15 0.00 5.34 -11.56
CA PHE B 15 -0.23 5.93 -12.87
C PHE B 15 -1.42 5.28 -13.56
N VAL B 16 -1.53 3.96 -13.48
CA VAL B 16 -2.66 3.26 -14.08
C VAL B 16 -3.96 3.61 -13.37
N ASP B 17 -3.91 3.81 -12.05
CA ASP B 17 -5.10 4.25 -11.33
C ASP B 17 -5.68 5.51 -11.94
N GLY B 18 -4.83 6.40 -12.44
CA GLY B 18 -5.29 7.59 -13.13
C GLY B 18 -5.62 7.33 -14.59
N GLU B 19 -4.59 7.06 -15.39
CA GLU B 19 -4.74 6.75 -16.80
C GLU B 19 -4.68 5.23 -17.00
N GLY B 20 -5.54 4.72 -17.87
CA GLY B 20 -5.57 3.29 -18.12
C GLY B 20 -6.94 2.66 -17.97
N SER B 21 -7.27 1.71 -18.84
CA SER B 21 -8.58 1.09 -18.87
C SER B 21 -8.45 -0.43 -18.97
N PHE B 22 -9.32 -1.13 -18.26
CA PHE B 22 -9.44 -2.59 -18.35
C PHE B 22 -10.77 -2.90 -19.02
N MET B 23 -10.71 -3.48 -20.22
CA MET B 23 -11.87 -3.60 -21.09
C MET B 23 -12.22 -5.06 -21.34
N LEU B 24 -13.51 -5.30 -21.55
CA LEU B 24 -14.04 -6.58 -21.98
C LEU B 24 -14.89 -6.33 -23.22
N THR B 25 -14.38 -6.70 -24.39
CA THR B 25 -15.09 -6.49 -25.65
C THR B 25 -15.91 -7.72 -25.99
N ILE B 26 -17.19 -7.51 -26.28
CA ILE B 26 -18.09 -8.56 -26.74
C ILE B 26 -18.82 -7.99 -27.96
N ILE B 27 -18.40 -8.43 -29.15
CA ILE B 27 -18.84 -7.83 -30.40
C ILE B 27 -19.32 -8.93 -31.35
N LYS B 28 -20.30 -8.58 -32.18
CA LYS B 28 -20.77 -9.49 -33.21
C LYS B 28 -19.63 -9.84 -34.17
N ASP B 29 -19.45 -11.13 -34.42
CA ASP B 29 -18.38 -11.59 -35.30
C ASP B 29 -18.77 -12.93 -35.89
N ASN B 30 -18.85 -13.00 -37.22
CA ASN B 30 -19.28 -14.22 -37.90
C ASN B 30 -18.21 -15.30 -37.91
N LYS B 31 -16.94 -14.93 -37.71
CA LYS B 31 -15.89 -15.94 -37.67
C LYS B 31 -16.14 -16.96 -36.56
N TYR B 32 -16.65 -16.50 -35.42
CA TYR B 32 -16.94 -17.40 -34.31
C TYR B 32 -18.27 -18.10 -34.54
N LYS B 33 -18.32 -19.38 -34.17
CA LYS B 33 -19.54 -20.15 -34.39
C LYS B 33 -20.70 -19.59 -33.57
N LEU B 34 -20.43 -19.11 -32.36
CA LEU B 34 -21.45 -18.43 -31.57
C LEU B 34 -21.66 -16.99 -32.00
N GLY B 35 -20.98 -16.54 -33.05
CA GLY B 35 -21.20 -15.20 -33.59
C GLY B 35 -20.76 -14.06 -32.71
N TRP B 36 -19.98 -14.32 -31.66
CA TRP B 36 -19.56 -13.28 -30.73
C TRP B 36 -18.06 -13.38 -30.47
N ARG B 37 -17.38 -12.25 -30.60
CA ARG B 37 -15.96 -12.14 -30.26
C ARG B 37 -15.83 -11.59 -28.84
N VAL B 38 -15.09 -12.29 -28.00
CA VAL B 38 -14.84 -11.88 -26.62
C VAL B 38 -13.34 -11.71 -26.44
N VAL B 39 -12.91 -10.50 -26.10
CA VAL B 39 -11.49 -10.16 -26.04
C VAL B 39 -11.24 -9.29 -24.82
N CYS B 40 -10.29 -9.71 -23.98
CA CYS B 40 -9.83 -8.90 -22.86
C CYS B 40 -8.71 -7.97 -23.32
N ARG B 41 -8.80 -6.70 -22.92
CA ARG B 41 -7.81 -5.71 -23.31
C ARG B 41 -7.36 -4.92 -22.09
N PHE B 42 -6.12 -4.43 -22.17
CA PHE B 42 -5.60 -3.43 -21.24
C PHE B 42 -4.85 -2.40 -22.05
N VAL B 43 -5.34 -1.16 -22.04
CA VAL B 43 -4.84 -0.12 -22.92
C VAL B 43 -4.61 1.16 -22.12
N ILE B 44 -3.43 1.74 -22.27
CA ILE B 44 -3.13 3.09 -21.79
C ILE B 44 -3.00 3.98 -23.02
N SER B 45 -3.81 5.03 -23.08
CA SER B 45 -3.86 5.93 -24.22
C SER B 45 -3.35 7.29 -23.78
N LEU B 46 -2.18 7.67 -24.30
CA LEU B 46 -1.51 8.91 -23.92
C LEU B 46 -1.20 9.74 -25.15
N HIS B 47 -0.83 11.00 -24.91
CA HIS B 47 -0.42 11.89 -25.98
C HIS B 47 0.93 11.45 -26.55
N LYS B 48 1.12 11.69 -27.86
CA LYS B 48 2.35 11.28 -28.51
C LYS B 48 3.60 11.84 -27.85
N LYS B 49 3.46 12.92 -27.08
CA LYS B 49 4.61 13.49 -26.38
C LYS B 49 5.13 12.56 -25.28
N ASP B 50 4.28 11.68 -24.75
CA ASP B 50 4.68 10.71 -23.74
C ASP B 50 4.99 9.34 -24.33
N LEU B 51 5.45 9.29 -25.59
CA LEU B 51 5.80 8.02 -26.19
C LEU B 51 6.92 7.34 -25.41
N SER B 52 7.88 8.12 -24.91
CA SER B 52 8.97 7.55 -24.13
C SER B 52 8.44 6.87 -22.87
N LEU B 53 7.55 7.54 -22.15
CA LEU B 53 6.99 6.95 -20.93
C LEU B 53 6.22 5.66 -21.24
N LEU B 54 5.56 5.62 -22.39
CA LEU B 54 4.84 4.40 -22.77
C LEU B 54 5.79 3.24 -22.97
N ASN B 55 6.92 3.47 -23.64
CA ASN B 55 7.88 2.40 -23.85
C ASN B 55 8.48 1.92 -22.53
N LYS B 56 8.71 2.85 -21.59
CA LYS B 56 9.15 2.44 -20.26
C LYS B 56 8.11 1.54 -19.60
N ILE B 57 6.83 1.88 -19.75
CA ILE B 57 5.77 1.03 -19.21
C ILE B 57 5.81 -0.34 -19.86
N LYS B 58 5.97 -0.38 -21.18
CA LYS B 58 6.13 -1.66 -21.88
C LYS B 58 7.31 -2.44 -21.30
N GLU B 59 8.46 -1.77 -21.15
CA GLU B 59 9.62 -2.43 -20.56
C GLU B 59 9.32 -2.92 -19.15
N PHE B 60 8.41 -2.25 -18.44
CA PHE B 60 8.10 -2.65 -17.08
C PHE B 60 7.37 -3.98 -17.03
N PHE B 61 6.32 -4.13 -17.85
CA PHE B 61 5.59 -5.38 -17.90
C PHE B 61 6.28 -6.43 -18.78
N ASP B 62 7.12 -6.00 -19.72
CA ASP B 62 7.81 -6.93 -20.61
C ASP B 62 6.83 -7.67 -21.51
N VAL B 63 5.69 -7.03 -21.81
CA VAL B 63 4.68 -7.60 -22.70
C VAL B 63 3.95 -6.44 -23.38
N GLY B 64 3.31 -6.75 -24.49
CA GLY B 64 2.55 -5.76 -25.23
C GLY B 64 3.44 -4.87 -26.08
N ASN B 65 2.79 -4.00 -26.86
CA ASN B 65 3.47 -3.10 -27.77
C ASN B 65 2.88 -1.70 -27.65
N VAL B 66 3.69 -0.71 -27.97
CA VAL B 66 3.26 0.69 -28.00
C VAL B 66 2.99 1.05 -29.45
N PHE B 67 1.73 1.37 -29.76
CA PHE B 67 1.32 1.72 -31.11
C PHE B 67 1.12 3.22 -31.23
N LEU B 68 1.59 3.79 -32.34
CA LEU B 68 1.50 5.23 -32.59
C LEU B 68 0.28 5.49 -33.45
N MET B 69 -0.79 5.99 -32.84
CA MET B 69 -2.02 6.33 -33.55
C MET B 69 -1.79 7.62 -34.33
N THR B 70 -1.52 7.48 -35.63
CA THR B 70 -1.32 8.65 -36.49
C THR B 70 -2.61 9.43 -36.64
N LYS B 71 -2.59 10.67 -36.14
CA LYS B 71 -1.38 11.24 -35.57
C LYS B 71 -1.59 11.76 -34.15
N ASP B 72 -0.48 12.10 -33.50
CA ASP B 72 -0.51 12.82 -32.22
C ASP B 72 -1.19 12.00 -31.13
N SER B 73 -0.96 10.69 -31.14
CA SER B 73 -1.52 9.82 -30.12
C SER B 73 -0.74 8.52 -30.09
N ALA B 74 -0.76 7.87 -28.92
CA ALA B 74 -0.07 6.60 -28.75
C ALA B 74 -0.80 5.79 -27.70
N GLN B 75 -0.63 4.47 -27.77
CA GLN B 75 -1.28 3.55 -26.83
C GLN B 75 -0.32 2.43 -26.47
N TYR B 76 -0.35 2.04 -25.21
CA TYR B 76 0.24 0.78 -24.76
C TYR B 76 -0.88 -0.24 -24.64
N ARG B 77 -0.83 -1.29 -25.43
CA ARG B 77 -1.92 -2.25 -25.55
C ARG B 77 -1.45 -3.64 -25.15
N VAL B 78 -2.30 -4.35 -24.42
CA VAL B 78 -2.09 -5.76 -24.10
C VAL B 78 -3.40 -6.48 -24.41
N GLU B 79 -3.34 -7.42 -25.37
CA GLU B 79 -4.54 -8.10 -25.82
C GLU B 79 -4.37 -9.60 -25.95
N SER B 80 -3.30 -10.18 -25.42
CA SER B 80 -3.04 -11.61 -25.49
C SER B 80 -3.19 -12.25 -24.12
N LEU B 81 -3.44 -13.55 -24.12
CA LEU B 81 -3.64 -14.28 -22.86
C LEU B 81 -2.36 -14.26 -22.02
N LYS B 82 -1.23 -14.63 -22.63
CA LYS B 82 0.02 -14.62 -21.89
C LYS B 82 0.34 -13.22 -21.36
N GLY B 83 0.11 -12.19 -22.18
CA GLY B 83 0.38 -10.83 -21.72
C GLY B 83 -0.48 -10.43 -20.55
N LEU B 84 -1.80 -10.63 -20.66
CA LEU B 84 -2.69 -10.26 -19.57
C LEU B 84 -2.37 -11.02 -18.29
N ASP B 85 -1.79 -12.21 -18.41
CA ASP B 85 -1.34 -12.93 -17.22
C ASP B 85 -0.29 -12.13 -16.46
N LEU B 86 0.68 -11.57 -17.18
CA LEU B 86 1.69 -10.75 -16.52
C LEU B 86 1.09 -9.45 -15.99
N ILE B 87 0.11 -8.88 -16.69
CA ILE B 87 -0.56 -7.69 -16.19
C ILE B 87 -1.26 -7.98 -14.87
N ILE B 88 -1.99 -9.10 -14.82
CA ILE B 88 -2.67 -9.47 -13.59
C ILE B 88 -1.67 -9.83 -12.51
N ASN B 89 -0.55 -10.46 -12.89
CA ASN B 89 0.48 -10.79 -11.92
C ASN B 89 0.97 -9.56 -11.18
N HIS B 90 0.93 -8.39 -11.82
CA HIS B 90 1.39 -7.17 -11.18
C HIS B 90 0.34 -6.59 -10.26
N PHE B 91 -0.87 -6.35 -10.78
CA PHE B 91 -1.91 -5.70 -10.00
C PHE B 91 -2.49 -6.60 -8.92
N ASP B 92 -2.14 -7.88 -8.90
CA ASP B 92 -2.55 -8.73 -7.79
C ASP B 92 -1.71 -8.47 -6.54
N LYS B 93 -0.49 -7.97 -6.70
CA LYS B 93 0.37 -7.60 -5.58
C LYS B 93 0.44 -6.10 -5.38
N TYR B 94 0.40 -5.31 -6.46
CA TYR B 94 0.39 -3.86 -6.39
C TYR B 94 -0.97 -3.37 -6.88
N PRO B 95 -2.01 -3.48 -6.07
CA PRO B 95 -3.37 -3.23 -6.55
C PRO B 95 -3.63 -1.74 -6.77
N LEU B 96 -4.68 -1.47 -7.55
CA LEU B 96 -5.24 -0.13 -7.64
C LEU B 96 -5.99 0.20 -6.36
N ILE B 97 -6.37 1.46 -6.20
CA ILE B 97 -7.10 1.87 -5.00
C ILE B 97 -8.25 2.80 -5.35
N THR B 98 -8.38 3.17 -6.61
CA THR B 98 -9.53 3.94 -7.05
C THR B 98 -10.68 3.00 -7.42
N LYS B 99 -11.84 3.58 -7.75
CA LYS B 99 -12.96 2.76 -8.19
C LYS B 99 -12.61 1.96 -9.43
N LYS B 100 -11.60 2.39 -10.19
CA LYS B 100 -11.14 1.61 -11.33
C LYS B 100 -10.75 0.19 -10.94
N GLN B 101 -10.42 -0.04 -9.67
CA GLN B 101 -10.12 -1.39 -9.22
C GLN B 101 -11.25 -2.35 -9.53
N ALA B 102 -12.50 -1.89 -9.37
CA ALA B 102 -13.64 -2.77 -9.62
C ALA B 102 -13.66 -3.24 -11.08
N ASP B 103 -13.37 -2.34 -12.02
CA ASP B 103 -13.24 -2.75 -13.41
C ASP B 103 -12.12 -3.77 -13.59
N TYR B 104 -11.05 -3.65 -12.81
CA TYR B 104 -9.96 -4.62 -12.87
C TYR B 104 -10.43 -5.98 -12.33
N LYS B 105 -11.11 -5.98 -11.18
CA LYS B 105 -11.62 -7.23 -10.64
C LYS B 105 -12.49 -7.97 -11.65
N LEU B 106 -13.43 -7.25 -12.27
CA LEU B 106 -14.26 -7.86 -13.31
C LEU B 106 -13.41 -8.32 -14.49
N PHE B 107 -12.49 -7.46 -14.94
CA PHE B 107 -11.57 -7.84 -16.01
C PHE B 107 -10.86 -9.15 -15.70
N LYS B 108 -10.48 -9.36 -14.43
CA LYS B 108 -9.80 -10.59 -14.07
C LYS B 108 -10.76 -11.77 -14.10
N MET B 109 -12.01 -11.57 -13.69
CA MET B 109 -13.01 -12.64 -13.76
C MET B 109 -13.17 -13.11 -15.20
N ALA B 110 -13.48 -12.19 -16.12
CA ALA B 110 -13.67 -12.57 -17.52
C ALA B 110 -12.41 -13.22 -18.07
N HIS B 111 -11.23 -12.74 -17.67
CA HIS B 111 -9.98 -13.32 -18.16
C HIS B 111 -9.90 -14.80 -17.80
N ASN B 112 -10.29 -15.16 -16.57
CA ASN B 112 -10.23 -16.56 -16.17
C ASN B 112 -11.24 -17.41 -16.93
N LEU B 113 -12.44 -16.86 -17.16
CA LEU B 113 -13.43 -17.58 -17.96
C LEU B 113 -12.93 -17.84 -19.37
N ILE B 114 -12.18 -16.89 -19.94
CA ILE B 114 -11.60 -17.09 -21.27
C ILE B 114 -10.50 -18.15 -21.21
N LYS B 115 -9.74 -18.18 -20.12
CA LYS B 115 -8.70 -19.18 -19.98
C LYS B 115 -9.26 -20.60 -19.88
N ASN B 116 -10.51 -20.74 -19.43
CA ASN B 116 -11.18 -22.02 -19.39
C ASN B 116 -12.01 -22.30 -20.64
N LYS B 117 -11.75 -21.58 -21.72
CA LYS B 117 -12.48 -21.74 -22.98
C LYS B 117 -13.98 -21.59 -22.80
N SER B 118 -14.42 -21.04 -21.67
CA SER B 118 -15.85 -20.85 -21.43
C SER B 118 -16.47 -19.86 -22.39
N HIS B 119 -15.67 -18.94 -22.95
CA HIS B 119 -16.16 -17.97 -23.91
C HIS B 119 -16.66 -18.61 -25.19
N LEU B 120 -16.44 -19.92 -25.38
CA LEU B 120 -16.91 -20.63 -26.55
C LEU B 120 -18.16 -21.44 -26.28
N THR B 121 -18.71 -21.38 -25.06
CA THR B 121 -19.98 -22.00 -24.74
C THR B 121 -21.06 -20.93 -24.63
N LYS B 122 -22.30 -21.38 -24.49
CA LYS B 122 -23.41 -20.44 -24.36
C LYS B 122 -23.65 -20.03 -22.92
N GLU B 123 -23.32 -20.89 -21.96
CA GLU B 123 -23.40 -20.50 -20.55
C GLU B 123 -22.31 -19.51 -20.21
N GLY B 124 -21.08 -19.79 -20.63
CA GLY B 124 -19.98 -18.89 -20.34
C GLY B 124 -20.16 -17.52 -20.98
N LEU B 125 -20.64 -17.49 -22.23
CA LEU B 125 -20.87 -16.21 -22.89
C LEU B 125 -21.90 -15.38 -22.15
N LEU B 126 -22.90 -16.04 -21.53
CA LEU B 126 -23.88 -15.31 -20.75
C LEU B 126 -23.24 -14.66 -19.52
N GLU B 127 -22.44 -15.44 -18.78
CA GLU B 127 -21.72 -14.87 -17.64
C GLU B 127 -20.84 -13.71 -18.07
N LEU B 128 -20.17 -13.84 -19.23
CA LEU B 128 -19.31 -12.77 -19.70
C LEU B 128 -20.09 -11.50 -20.03
N VAL B 129 -21.28 -11.66 -20.61
CA VAL B 129 -22.11 -10.50 -20.92
C VAL B 129 -22.52 -9.80 -19.63
N ALA B 130 -22.89 -10.57 -18.60
CA ALA B 130 -23.25 -9.99 -17.32
C ALA B 130 -22.05 -9.26 -16.70
N ILE B 131 -20.85 -9.80 -16.88
CA ILE B 131 -19.65 -9.14 -16.39
C ILE B 131 -19.46 -7.80 -17.10
N LYS B 132 -19.52 -7.82 -18.43
CA LYS B 132 -19.35 -6.59 -19.20
C LYS B 132 -20.41 -5.55 -18.85
N ALA B 133 -21.58 -6.00 -18.39
CA ALA B 133 -22.64 -5.07 -18.03
C ALA B 133 -22.23 -4.13 -16.91
N VAL B 134 -21.21 -4.47 -16.13
CA VAL B 134 -20.76 -3.66 -15.02
C VAL B 134 -19.35 -3.14 -15.21
N ILE B 135 -18.72 -3.39 -16.35
CA ILE B 135 -17.37 -2.91 -16.62
C ILE B 135 -17.46 -1.59 -17.39
N ASN B 136 -16.87 -0.54 -16.83
CA ASN B 136 -16.77 0.77 -17.48
C ASN B 136 -18.18 1.21 -17.85
N ASN B 137 -18.50 1.40 -19.13
CA ASN B 137 -19.79 1.93 -19.54
C ASN B 137 -20.85 0.86 -19.69
N GLY B 138 -20.51 -0.41 -19.48
CA GLY B 138 -21.50 -1.46 -19.56
C GLY B 138 -21.90 -1.80 -20.99
N LEU B 139 -22.93 -2.63 -21.07
CA LEU B 139 -23.42 -3.09 -22.37
C LEU B 139 -23.99 -1.93 -23.17
N ASN B 140 -23.94 -2.08 -24.49
CA ASN B 140 -24.56 -1.11 -25.39
C ASN B 140 -26.01 -1.51 -25.66
N ASN B 141 -26.69 -0.75 -26.51
CA ASN B 141 -28.08 -1.05 -26.82
C ASN B 141 -28.23 -2.33 -27.62
N ASP B 142 -27.18 -2.74 -28.36
CA ASP B 142 -27.25 -3.96 -29.15
C ASP B 142 -27.13 -5.20 -28.28
N LEU B 143 -26.14 -5.22 -27.39
CA LEU B 143 -26.01 -6.36 -26.47
C LEU B 143 -27.25 -6.51 -25.61
N SER B 144 -27.83 -5.40 -25.18
CA SER B 144 -29.07 -5.46 -24.40
C SER B 144 -30.17 -6.17 -25.20
N ILE B 145 -30.28 -5.86 -26.49
CA ILE B 145 -31.27 -6.51 -27.34
C ILE B 145 -30.93 -7.99 -27.53
N ALA B 146 -29.64 -8.29 -27.70
CA ALA B 146 -29.23 -9.65 -28.04
C ALA B 146 -29.23 -10.59 -26.84
N PHE B 147 -28.92 -10.07 -25.64
CA PHE B 147 -28.82 -10.89 -24.44
C PHE B 147 -29.77 -10.37 -23.36
N PRO B 148 -31.08 -10.50 -23.57
CA PRO B 148 -32.03 -10.16 -22.52
C PRO B 148 -32.31 -11.35 -21.60
N GLY B 149 -32.40 -11.06 -20.30
CA GLY B 149 -32.58 -12.11 -19.33
C GLY B 149 -31.29 -12.66 -18.76
N ILE B 150 -30.24 -11.86 -18.69
CA ILE B 150 -28.95 -12.31 -18.18
C ILE B 150 -28.99 -12.33 -16.65
N ASN B 151 -28.29 -13.29 -16.06
CA ASN B 151 -28.16 -13.35 -14.62
C ASN B 151 -27.24 -12.24 -14.13
N THR B 152 -27.80 -11.07 -13.83
CA THR B 152 -27.00 -9.89 -13.55
C THR B 152 -26.10 -10.08 -12.34
N ILE B 153 -24.82 -9.80 -12.51
CA ILE B 153 -23.86 -9.85 -11.42
C ILE B 153 -23.71 -8.45 -10.83
N LEU B 154 -23.30 -8.39 -9.57
CA LEU B 154 -23.11 -7.13 -8.88
C LEU B 154 -21.70 -6.61 -9.09
N ARG B 155 -21.59 -5.30 -9.28
CA ARG B 155 -20.27 -4.69 -9.39
C ARG B 155 -19.53 -4.83 -8.08
N PRO B 156 -18.27 -5.27 -8.09
CA PRO B 156 -17.54 -5.48 -6.82
C PRO B 156 -17.33 -4.16 -6.09
N ASP B 157 -17.46 -4.23 -4.77
CA ASP B 157 -17.14 -3.09 -3.92
C ASP B 157 -15.63 -2.98 -3.74
N THR B 158 -15.16 -1.74 -3.60
CA THR B 158 -13.75 -1.45 -3.35
C THR B 158 -13.65 -0.66 -2.06
N SER B 159 -12.95 -1.22 -1.07
CA SER B 159 -12.88 -0.60 0.25
C SER B 159 -12.28 0.80 0.17
N LEU B 160 -12.53 1.58 1.21
CA LEU B 160 -12.05 2.96 1.27
C LEU B 160 -10.54 2.97 1.14
N PRO B 161 -9.98 3.78 0.23
CA PRO B 161 -8.54 3.69 -0.06
C PRO B 161 -7.68 4.42 0.94
N GLN B 162 -6.51 3.84 1.22
CA GLN B 162 -5.44 4.48 1.97
C GLN B 162 -4.20 4.53 1.09
N ILE B 163 -3.57 5.70 1.02
CA ILE B 163 -2.31 5.82 0.29
C ILE B 163 -1.21 5.20 1.15
N LEU B 164 -0.70 4.05 0.72
CA LEU B 164 0.29 3.30 1.49
C LEU B 164 1.69 3.36 0.90
N ASN B 165 1.88 4.07 -0.21
CA ASN B 165 3.19 4.15 -0.84
C ASN B 165 3.32 5.46 -1.60
N PRO B 166 4.32 6.28 -1.27
CA PRO B 166 4.42 7.60 -1.93
C PRO B 166 4.64 7.50 -3.43
N PHE B 167 5.22 6.41 -3.92
CA PHE B 167 5.40 6.26 -5.37
C PHE B 167 4.06 6.14 -6.08
N TRP B 168 3.07 5.51 -5.44
CA TRP B 168 1.72 5.53 -6.01
C TRP B 168 1.24 6.96 -6.23
N LEU B 169 1.53 7.85 -5.29
CA LEU B 169 1.08 9.24 -5.41
C LEU B 169 1.84 9.98 -6.50
N SER B 170 3.11 9.64 -6.71
CA SER B 170 3.86 10.28 -7.80
C SER B 170 3.28 9.88 -9.15
N GLY B 171 2.86 8.62 -9.29
CA GLY B 171 2.23 8.20 -10.53
C GLY B 171 0.85 8.81 -10.70
N PHE B 172 0.03 8.73 -9.66
CA PHE B 172 -1.30 9.34 -9.72
C PHE B 172 -1.21 10.82 -10.08
N VAL B 173 -0.21 11.52 -9.53
CA VAL B 173 0.00 12.92 -9.88
C VAL B 173 0.51 13.04 -11.31
N ASP B 174 1.51 12.23 -11.66
CA ASP B 174 2.01 12.23 -13.03
C ASP B 174 0.89 11.92 -14.02
N ALA B 175 -0.14 11.20 -13.58
CA ALA B 175 -1.24 10.82 -14.45
C ALA B 175 -2.41 11.79 -14.37
N GLU B 176 -2.71 12.32 -13.18
CA GLU B 176 -3.89 13.15 -12.99
C GLU B 176 -3.59 14.44 -12.23
N GLY B 177 -2.32 14.85 -12.18
CA GLY B 177 -1.96 16.07 -11.48
C GLY B 177 -1.89 17.27 -12.42
N CYS B 178 -1.71 18.44 -11.82
CA CYS B 178 -1.59 19.69 -12.57
C CYS B 178 -0.86 20.72 -11.73
N PHE B 179 0.07 21.44 -12.37
CA PHE B 179 0.81 22.52 -11.74
C PHE B 179 0.50 23.81 -12.49
N SER B 180 -0.16 24.75 -11.80
CA SER B 180 -0.68 25.95 -12.43
C SER B 180 0.11 27.16 -11.96
N VAL B 181 0.52 27.99 -12.92
CA VAL B 181 1.18 29.27 -12.65
C VAL B 181 0.37 30.32 -13.39
N VAL B 182 -0.57 30.96 -12.70
CA VAL B 182 -1.47 31.93 -13.31
C VAL B 182 -1.11 33.33 -12.81
N VAL B 183 -1.31 34.31 -13.67
CA VAL B 183 -1.03 35.71 -13.34
C VAL B 183 -2.32 36.51 -13.26
N THR B 188 -4.57 46.81 -7.76
CA THR B 188 -3.89 47.11 -6.49
C THR B 188 -2.42 46.70 -6.53
N SER B 189 -1.80 46.64 -5.35
CA SER B 189 -0.40 46.23 -5.21
C SER B 189 0.48 46.77 -6.34
N LYS B 190 1.00 47.98 -6.18
CA LYS B 190 2.00 48.55 -7.08
C LYS B 190 1.83 48.17 -8.56
N LEU B 191 1.88 46.87 -8.86
CA LEU B 191 2.20 46.37 -10.19
C LEU B 191 0.98 45.99 -11.04
N GLY B 192 -0.22 46.09 -10.50
CA GLY B 192 -1.42 45.74 -11.26
C GLY B 192 -1.87 44.29 -11.21
N GLU B 193 -0.92 43.35 -11.33
CA GLU B 193 -1.24 41.93 -11.27
C GLU B 193 -0.27 41.23 -10.34
N ALA B 194 -0.46 39.92 -10.18
CA ALA B 194 0.40 39.08 -9.33
C ALA B 194 0.36 37.66 -9.85
N VAL B 195 0.98 36.74 -9.11
CA VAL B 195 1.09 35.34 -9.50
C VAL B 195 0.34 34.48 -8.48
N LYS B 196 -0.36 33.47 -8.96
CA LYS B 196 -1.08 32.52 -8.11
C LYS B 196 -0.65 31.11 -8.50
N LEU B 197 0.07 30.45 -7.59
CA LEU B 197 0.51 29.08 -7.81
C LEU B 197 -0.48 28.10 -7.20
N SER B 198 -0.77 27.03 -7.95
CA SER B 198 -1.77 26.05 -7.52
C SER B 198 -1.31 24.65 -7.91
N PHE B 199 -1.58 23.70 -7.03
CA PHE B 199 -1.40 22.28 -7.32
C PHE B 199 -2.77 21.61 -7.23
N ILE B 200 -3.13 20.86 -8.27
CA ILE B 200 -4.48 20.32 -8.42
C ILE B 200 -4.40 18.83 -8.72
N LEU B 201 -5.22 18.06 -8.00
CA LEU B 201 -5.45 16.64 -8.28
C LEU B 201 -6.93 16.47 -8.53
N THR B 202 -7.31 16.19 -9.78
CA THR B 202 -8.71 16.10 -10.17
C THR B 202 -9.13 14.64 -10.31
N GLN B 203 -10.31 14.33 -9.78
CA GLN B 203 -10.88 13.00 -9.89
C GLN B 203 -12.40 13.15 -9.92
N SER B 204 -13.10 12.03 -9.84
CA SER B 204 -14.55 12.01 -9.88
C SER B 204 -15.13 11.73 -8.51
N ASN B 205 -16.43 12.04 -8.36
CA ASN B 205 -17.11 11.77 -7.09
C ASN B 205 -17.00 10.31 -6.68
N ARG B 206 -16.73 9.41 -7.63
CA ARG B 206 -16.52 8.01 -7.28
C ARG B 206 -15.47 7.88 -6.17
N ASP B 207 -14.36 8.61 -6.31
CA ASP B 207 -13.30 8.56 -5.32
C ASP B 207 -13.26 9.85 -4.51
N GLU B 208 -14.41 10.24 -3.96
CA GLU B 208 -14.45 11.40 -3.08
C GLU B 208 -13.65 11.17 -1.81
N TYR B 209 -13.65 9.93 -1.30
CA TYR B 209 -12.90 9.62 -0.10
C TYR B 209 -11.40 9.73 -0.35
N LEU B 210 -10.91 9.16 -1.46
CA LEU B 210 -9.48 9.17 -1.74
C LEU B 210 -8.96 10.60 -1.83
N ILE B 211 -9.64 11.46 -2.59
CA ILE B 211 -9.13 12.81 -2.83
C ILE B 211 -8.97 13.56 -1.52
N LYS B 212 -9.94 13.44 -0.62
CA LYS B 212 -9.83 14.13 0.67
C LYS B 212 -8.70 13.54 1.51
N SER B 213 -8.34 12.28 1.29
CA SER B 213 -7.23 11.69 2.03
C SER B 213 -5.91 12.38 1.72
N LEU B 214 -5.81 13.04 0.57
CA LEU B 214 -4.58 13.77 0.24
C LEU B 214 -4.27 14.84 1.28
N ILE B 215 -5.30 15.40 1.90
CA ILE B 215 -5.07 16.41 2.94
C ILE B 215 -4.29 15.81 4.10
N GLU B 216 -4.71 14.63 4.55
CA GLU B 216 -4.01 13.97 5.65
C GLU B 216 -2.68 13.36 5.21
N TYR B 217 -2.60 12.87 3.98
CA TYR B 217 -1.36 12.25 3.51
C TYR B 217 -0.28 13.31 3.28
N LEU B 218 -0.60 14.36 2.52
CA LEU B 218 0.35 15.43 2.29
C LEU B 218 0.41 16.43 3.42
N GLY B 219 -0.64 16.53 4.23
CA GLY B 219 -0.65 17.47 5.34
C GLY B 219 -0.92 18.90 4.95
N CYS B 220 -1.74 19.13 3.93
CA CYS B 220 -2.06 20.47 3.46
C CYS B 220 -3.13 20.34 2.38
N GLY B 221 -3.47 21.47 1.76
CA GLY B 221 -4.43 21.49 0.68
C GLY B 221 -5.86 21.53 1.16
N ASN B 222 -6.76 21.62 0.19
CA ASN B 222 -8.19 21.71 0.46
C ASN B 222 -8.95 20.97 -0.63
N THR B 223 -10.19 20.62 -0.33
CA THR B 223 -11.07 19.94 -1.27
C THR B 223 -12.04 20.94 -1.89
N SER B 224 -12.19 20.85 -3.22
CA SER B 224 -13.08 21.73 -3.97
C SER B 224 -13.95 20.87 -4.87
N LEU B 225 -15.26 21.10 -4.82
CA LEU B 225 -16.22 20.35 -5.62
C LEU B 225 -16.55 21.12 -6.90
N ASP B 226 -16.49 20.43 -8.03
CA ASP B 226 -16.88 21.01 -9.31
C ASP B 226 -18.34 20.69 -9.59
N PRO B 227 -19.15 21.66 -10.02
CA PRO B 227 -20.58 21.37 -10.23
C PRO B 227 -20.82 20.28 -11.27
N ARG B 228 -19.90 20.08 -12.20
CA ARG B 228 -20.08 19.08 -13.24
C ARG B 228 -20.04 17.65 -12.69
N GLY B 229 -19.46 17.45 -11.51
CA GLY B 229 -19.42 16.13 -10.91
C GLY B 229 -18.01 15.63 -10.68
N THR B 230 -17.10 16.53 -10.33
CA THR B 230 -15.71 16.16 -10.07
C THR B 230 -15.23 16.90 -8.82
N ILE B 231 -14.34 16.24 -8.08
CA ILE B 231 -13.76 16.81 -6.87
C ILE B 231 -12.30 17.13 -7.14
N ASP B 232 -11.83 18.24 -6.56
CA ASP B 232 -10.46 18.71 -6.75
C ASP B 232 -9.74 18.79 -5.41
N PHE B 233 -8.49 18.32 -5.40
CA PHE B 233 -7.59 18.55 -4.28
C PHE B 233 -6.61 19.64 -4.70
N LYS B 234 -6.69 20.80 -4.05
CA LYS B 234 -5.91 21.96 -4.45
C LYS B 234 -5.06 22.44 -3.28
N VAL B 235 -3.81 22.76 -3.58
CA VAL B 235 -2.90 23.41 -2.64
C VAL B 235 -2.60 24.80 -3.20
N THR B 236 -3.17 25.83 -2.57
CA THR B 236 -3.10 27.19 -3.07
C THR B 236 -2.28 28.13 -2.22
N ASN B 237 -1.87 27.72 -1.02
CA ASN B 237 -1.04 28.56 -0.16
C ASN B 237 0.43 28.33 -0.48
N PHE B 238 1.19 29.42 -0.51
CA PHE B 238 2.59 29.33 -0.96
C PHE B 238 3.44 28.56 0.03
N SER B 239 3.22 28.75 1.34
CA SER B 239 4.05 28.09 2.34
C SER B 239 4.02 26.57 2.16
N SER B 240 2.85 26.01 1.89
CA SER B 240 2.75 24.56 1.70
C SER B 240 3.37 24.13 0.38
N ILE B 241 3.24 24.95 -0.66
CA ILE B 241 3.79 24.59 -1.96
C ILE B 241 5.31 24.54 -1.91
N LYS B 242 5.93 25.42 -1.11
CA LYS B 242 7.38 25.49 -1.07
C LYS B 242 7.99 24.45 -0.12
N ASP B 243 7.32 24.17 0.99
CA ASP B 243 7.88 23.29 2.01
C ASP B 243 7.46 21.83 1.86
N ILE B 244 6.25 21.57 1.37
CA ILE B 244 5.72 20.21 1.36
C ILE B 244 5.77 19.62 -0.04
N ILE B 245 5.06 20.23 -0.99
CA ILE B 245 4.86 19.61 -2.30
C ILE B 245 6.17 19.52 -3.07
N VAL B 246 6.91 20.62 -3.15
CA VAL B 246 8.12 20.64 -3.97
C VAL B 246 9.09 19.53 -3.57
N PRO B 247 9.50 19.41 -2.31
CA PRO B 247 10.42 18.32 -1.94
C PRO B 247 9.82 16.94 -2.17
N PHE B 248 8.50 16.80 -2.06
CA PHE B 248 7.88 15.49 -2.22
C PHE B 248 8.10 14.95 -3.62
N PHE B 249 7.72 15.72 -4.64
CA PHE B 249 7.89 15.29 -6.02
C PHE B 249 9.32 15.49 -6.52
N ILE B 250 10.23 15.86 -5.62
CA ILE B 250 11.67 15.77 -5.89
C ILE B 250 12.26 14.50 -5.30
N LYS B 251 11.76 14.10 -4.13
CA LYS B 251 12.14 12.83 -3.51
C LYS B 251 11.50 11.64 -4.21
N TYR B 252 10.25 11.81 -4.66
CA TYR B 252 9.52 10.78 -5.42
C TYR B 252 9.14 11.42 -6.75
N PRO B 253 10.07 11.54 -7.69
CA PRO B 253 9.85 12.38 -8.86
C PRO B 253 8.88 11.75 -9.85
N LEU B 254 8.42 12.59 -10.78
CA LEU B 254 7.58 12.14 -11.88
C LEU B 254 8.45 11.61 -13.02
N LYS B 255 7.83 10.81 -13.89
CA LYS B 255 8.53 10.21 -15.01
C LYS B 255 7.99 10.62 -16.38
N GLY B 256 6.78 11.16 -16.45
CA GLY B 256 6.21 11.61 -17.70
C GLY B 256 6.67 13.00 -18.07
N ASN B 257 6.09 13.52 -19.15
CA ASN B 257 6.43 14.88 -19.58
C ASN B 257 6.00 15.91 -18.55
N LYS B 258 4.99 15.60 -17.73
CA LYS B 258 4.55 16.53 -16.71
C LYS B 258 5.68 16.86 -15.73
N ASN B 259 6.73 16.04 -15.66
CA ASN B 259 7.87 16.36 -14.82
C ASN B 259 8.51 17.67 -15.26
N LEU B 260 8.50 17.96 -16.57
CA LEU B 260 9.02 19.23 -17.05
C LEU B 260 8.21 20.40 -16.48
N ASP B 261 6.88 20.29 -16.54
CA ASP B 261 6.03 21.33 -15.97
C ASP B 261 6.30 21.50 -14.48
N PHE B 262 6.62 20.43 -13.77
CA PHE B 262 6.97 20.54 -12.36
C PHE B 262 8.34 21.19 -12.19
N THR B 263 9.27 20.90 -13.10
CA THR B 263 10.58 21.53 -13.04
C THR B 263 10.46 23.05 -13.17
N ASP B 264 9.74 23.51 -14.20
CA ASP B 264 9.46 24.94 -14.32
C ASP B 264 8.73 25.45 -13.09
N PHE B 265 7.76 24.67 -12.59
CA PHE B 265 7.04 25.06 -11.39
C PHE B 265 7.99 25.32 -10.22
N CYS B 266 9.02 24.47 -10.08
CA CYS B 266 10.00 24.68 -9.02
C CYS B 266 10.74 25.99 -9.22
N GLU B 267 11.14 26.29 -10.45
CA GLU B 267 11.84 27.55 -10.73
C GLU B 267 11.02 28.75 -10.28
N VAL B 268 9.74 28.76 -10.63
CA VAL B 268 8.87 29.87 -10.22
C VAL B 268 8.74 29.91 -8.70
N VAL B 269 8.72 28.74 -8.06
CA VAL B 269 8.67 28.70 -6.60
C VAL B 269 9.93 29.29 -6.01
N ARG B 270 11.07 29.12 -6.68
CA ARG B 270 12.32 29.71 -6.19
C ARG B 270 12.34 31.21 -6.41
N LEU B 271 11.86 31.67 -7.57
CA LEU B 271 11.84 33.10 -7.84
C LEU B 271 10.94 33.85 -6.87
N MET B 272 9.89 33.19 -6.37
CA MET B 272 9.01 33.83 -5.40
C MET B 272 9.59 33.81 -4.00
N GLU B 273 10.55 32.92 -3.72
CA GLU B 273 11.25 32.97 -2.44
C GLU B 273 12.21 34.15 -2.37
N ASN B 274 12.70 34.61 -3.52
CA ASN B 274 13.53 35.80 -3.60
C ASN B 274 12.72 37.07 -3.72
N LYS B 275 11.39 36.99 -3.60
CA LYS B 275 10.48 38.09 -3.83
C LYS B 275 10.62 38.70 -5.22
N SER B 276 11.30 38.00 -6.14
CA SER B 276 11.51 38.55 -7.48
C SER B 276 10.19 38.73 -8.22
N HIS B 277 9.18 37.94 -7.87
CA HIS B 277 7.86 38.10 -8.48
C HIS B 277 7.25 39.47 -8.19
N LEU B 278 7.83 40.23 -7.26
CA LEU B 278 7.34 41.57 -6.94
C LEU B 278 8.07 42.66 -7.71
N THR B 279 9.16 42.33 -8.40
CA THR B 279 9.86 43.30 -9.23
C THR B 279 9.28 43.27 -10.65
N LYS B 280 9.87 44.07 -11.53
CA LYS B 280 9.47 44.08 -12.93
C LYS B 280 10.15 42.99 -13.75
N GLU B 281 11.28 42.46 -13.29
CA GLU B 281 11.97 41.40 -14.01
C GLU B 281 11.38 40.03 -13.70
N GLY B 282 11.07 39.78 -12.42
CA GLY B 282 10.50 38.49 -12.06
C GLY B 282 9.17 38.24 -12.71
N LEU B 283 8.28 39.23 -12.68
CA LEU B 283 6.96 39.07 -13.29
C LEU B 283 7.08 38.73 -14.77
N ASP B 284 7.91 39.48 -15.50
CA ASP B 284 8.12 39.18 -16.91
C ASP B 284 8.75 37.80 -17.07
N GLN B 285 9.66 37.43 -16.18
CA GLN B 285 10.28 36.11 -16.25
C GLN B 285 9.26 35.01 -15.98
N ILE B 286 8.35 35.24 -15.02
CA ILE B 286 7.33 34.25 -14.73
C ILE B 286 6.40 34.08 -15.93
N LYS B 287 6.09 35.17 -16.63
CA LYS B 287 5.26 35.07 -17.82
C LYS B 287 5.95 34.32 -18.94
N LYS B 288 7.29 34.46 -19.04
CA LYS B 288 8.03 33.72 -20.05
C LYS B 288 8.12 32.24 -19.70
N ILE B 289 8.13 31.91 -18.41
CA ILE B 289 8.16 30.51 -18.00
C ILE B 289 6.79 29.88 -18.16
N ARG B 290 5.73 30.58 -17.71
CA ARG B 290 4.38 30.05 -17.85
C ARG B 290 4.03 29.83 -19.32
N ASN B 291 4.54 30.69 -20.20
CA ASN B 291 4.30 30.54 -21.63
C ASN B 291 5.07 29.38 -22.24
N ARG B 292 5.81 28.61 -21.44
CA ARG B 292 6.57 27.47 -21.94
C ARG B 292 6.24 26.19 -21.17
N MET B 293 5.06 26.09 -20.59
CA MET B 293 4.67 24.91 -19.83
C MET B 293 3.18 24.65 -20.03
N ASN B 294 2.77 23.40 -19.76
CA ASN B 294 1.37 22.98 -19.86
C ASN B 294 0.92 23.19 -21.30
N THR B 295 -0.13 23.97 -21.55
CA THR B 295 -0.71 24.04 -22.88
C THR B 295 0.14 24.93 -23.80
N ASN B 296 1.42 25.08 -23.47
CA ASN B 296 2.32 25.92 -24.26
C ASN B 296 3.66 25.19 -24.44
N ARG B 297 3.60 23.98 -24.98
CA ARG B 297 4.82 23.20 -25.23
C ARG B 297 5.04 22.94 -26.71
#